data_1PAG
#
_entry.id   1PAG
#
_cell.length_a   49.400
_cell.length_b   50.100
_cell.length_c   65.200
_cell.angle_alpha   80.00
_cell.angle_beta   113.20
_cell.angle_gamma   116.50
#
_symmetry.space_group_name_H-M   'P 1'
#
loop_
_entity.id
_entity.type
_entity.pdbx_description
1 polymer 'POKEWEED ANTIVIRAL PROTEIN'
2 non-polymer "FORMYCIN-5'-MONOPHOSPHATE"
3 water water
#
_entity_poly.entity_id   1
_entity_poly.type   'polypeptide(L)'
_entity_poly.pdbx_seq_one_letter_code
;VNTIIYNVGSTTISKYATFLNDLRNEAKDPSLKCYGIPMLPNTNTNPKYVLVELQGSNKKTITLMLRRNNLYVMGYSDPF
ETNKCRYHIFNDISGTERQDVETTLCPNANSRVSKNINFDSRYPTLESKAGVKSRSQVQLGIQILDSNIGKISGVMSFTE
KTEAEFLLVAIQMVSEAARFKYIENQVKTNFNRAFNPNPKVLNLQETWGKISTAIHDAKNGVLPKPLELVDASGAKWIVL
RVDEIKPDVALLNYVGGSCQTT
;
_entity_poly.pdbx_strand_id   A,B
#
loop_
_chem_comp.id
_chem_comp.type
_chem_comp.name
_chem_comp.formula
FMP non-polymer FORMYCIN-5'-MONOPHOSPHATE 'C10 H14 N5 O7 P'
#
# COMPACT_ATOMS: atom_id res chain seq x y z
N VAL A 1 8.35 -21.74 8.45
CA VAL A 1 7.70 -21.39 7.23
C VAL A 1 7.20 -22.77 6.87
N ASN A 2 5.89 -22.97 6.84
CA ASN A 2 5.24 -24.19 6.51
C ASN A 2 4.92 -24.16 5.04
N THR A 3 4.89 -25.35 4.48
CA THR A 3 4.53 -25.45 3.11
C THR A 3 3.24 -26.26 3.07
N ILE A 4 2.31 -25.86 2.26
CA ILE A 4 1.03 -26.42 2.06
C ILE A 4 1.14 -27.09 0.72
N ILE A 5 0.84 -28.37 0.63
CA ILE A 5 0.92 -29.16 -0.57
C ILE A 5 -0.42 -29.15 -1.31
N TYR A 6 -0.48 -28.91 -2.61
CA TYR A 6 -1.73 -29.04 -3.35
C TYR A 6 -1.49 -29.68 -4.74
N ASN A 7 -2.19 -30.78 -5.00
CA ASN A 7 -2.03 -31.46 -6.28
C ASN A 7 -3.06 -31.02 -7.28
N VAL A 8 -2.56 -30.33 -8.21
CA VAL A 8 -3.35 -29.77 -9.31
C VAL A 8 -3.81 -30.86 -10.30
N GLY A 9 -2.86 -31.81 -10.54
CA GLY A 9 -3.04 -32.86 -11.51
C GLY A 9 -4.14 -33.83 -11.17
N SER A 10 -4.56 -33.94 -9.87
CA SER A 10 -5.62 -34.91 -9.62
C SER A 10 -6.40 -34.22 -8.47
N THR A 11 -7.61 -33.79 -8.72
CA THR A 11 -8.39 -33.09 -7.71
C THR A 11 -9.93 -33.20 -7.88
N THR A 12 -10.55 -32.80 -6.81
CA THR A 12 -12.01 -32.63 -6.76
C THR A 12 -12.32 -31.35 -6.02
N ILE A 13 -13.53 -30.83 -5.92
CA ILE A 13 -13.76 -29.50 -5.29
C ILE A 13 -13.54 -29.62 -3.82
N SER A 14 -13.67 -30.71 -3.10
CA SER A 14 -13.42 -30.78 -1.68
C SER A 14 -11.98 -30.59 -1.40
N LYS A 15 -11.13 -31.14 -2.22
CA LYS A 15 -9.68 -31.01 -2.04
C LYS A 15 -9.23 -29.56 -2.19
N TYR A 16 -9.74 -28.83 -3.18
CA TYR A 16 -9.42 -27.39 -3.43
C TYR A 16 -9.88 -26.62 -2.19
N ALA A 17 -11.13 -26.79 -1.76
CA ALA A 17 -11.64 -26.07 -0.57
C ALA A 17 -10.74 -26.44 0.70
N THR A 18 -10.37 -27.62 0.96
CA THR A 18 -9.48 -27.97 2.04
C THR A 18 -8.14 -27.29 1.92
N PHE A 19 -7.55 -27.22 0.70
CA PHE A 19 -6.30 -26.50 0.49
C PHE A 19 -6.43 -24.99 0.87
N LEU A 20 -7.46 -24.28 0.34
CA LEU A 20 -7.57 -22.89 0.63
C LEU A 20 -7.89 -22.68 2.10
N ASN A 21 -8.62 -23.58 2.74
CA ASN A 21 -8.93 -23.42 4.12
C ASN A 21 -7.65 -23.61 4.97
N ASP A 22 -6.76 -24.45 4.47
CA ASP A 22 -5.43 -24.69 5.05
C ASP A 22 -4.56 -23.48 4.81
N LEU A 23 -4.52 -22.84 3.67
CA LEU A 23 -3.68 -21.68 3.46
C LEU A 23 -4.17 -20.55 4.32
N ARG A 24 -5.48 -20.31 4.43
CA ARG A 24 -6.10 -19.26 5.20
C ARG A 24 -5.72 -19.37 6.64
N ASN A 25 -5.93 -20.55 7.28
CA ASN A 25 -5.53 -20.77 8.63
C ASN A 25 -4.06 -20.55 8.98
N GLU A 26 -3.26 -20.87 7.96
CA GLU A 26 -1.82 -20.79 8.05
C GLU A 26 -1.38 -19.35 7.94
N ALA A 27 -2.09 -18.51 7.15
CA ALA A 27 -1.69 -17.17 6.89
C ALA A 27 -2.21 -16.16 7.90
N LYS A 28 -3.47 -16.34 8.29
CA LYS A 28 -4.11 -15.42 9.25
C LYS A 28 -3.30 -15.33 10.57
N ASP A 29 -3.43 -14.15 11.21
CA ASP A 29 -2.91 -14.04 12.56
C ASP A 29 -3.84 -14.91 13.41
N PRO A 30 -3.42 -15.56 14.44
CA PRO A 30 -4.28 -16.44 15.23
C PRO A 30 -5.36 -15.70 16.01
N SER A 31 -5.27 -14.36 16.24
CA SER A 31 -6.26 -13.78 17.11
C SER A 31 -7.04 -12.56 16.53
N LEU A 32 -6.30 -11.77 15.69
CA LEU A 32 -6.89 -10.61 15.00
C LEU A 32 -8.04 -10.94 14.07
N LYS A 33 -9.20 -10.44 14.34
CA LYS A 33 -10.37 -10.60 13.49
C LYS A 33 -11.27 -9.36 13.59
N CYS A 34 -11.88 -8.91 12.52
CA CYS A 34 -12.80 -7.83 12.57
C CYS A 34 -14.14 -8.40 12.01
N TYR A 35 -15.20 -8.28 12.81
CA TYR A 35 -16.58 -8.74 12.53
C TYR A 35 -16.62 -10.19 12.02
N GLY A 36 -15.90 -11.01 12.71
CA GLY A 36 -15.82 -12.45 12.36
C GLY A 36 -14.88 -12.68 11.21
N ILE A 37 -14.27 -11.79 10.46
CA ILE A 37 -13.40 -12.14 9.34
C ILE A 37 -11.98 -12.09 9.86
N PRO A 38 -11.15 -13.12 9.67
CA PRO A 38 -9.76 -13.18 10.08
C PRO A 38 -8.92 -12.17 9.33
N MET A 39 -7.95 -11.63 10.08
CA MET A 39 -7.02 -10.61 9.56
C MET A 39 -5.62 -11.12 9.36
N LEU A 40 -4.98 -10.65 8.24
CA LEU A 40 -3.59 -11.09 8.04
C LEU A 40 -2.63 -10.38 8.97
N PRO A 41 -1.49 -10.93 9.34
CA PRO A 41 -0.61 -10.39 10.34
C PRO A 41 0.18 -9.14 9.90
N ASN A 42 0.66 -8.61 10.97
CA ASN A 42 1.60 -7.58 11.05
C ASN A 42 2.92 -8.09 10.46
N THR A 43 3.74 -7.27 9.77
CA THR A 43 5.01 -7.77 9.22
C THR A 43 5.97 -8.45 10.20
N ASN A 44 5.81 -8.13 11.48
CA ASN A 44 6.60 -8.70 12.53
C ASN A 44 6.23 -10.12 12.87
N THR A 45 5.03 -10.64 12.66
CA THR A 45 4.80 -11.99 13.09
C THR A 45 5.70 -12.99 12.35
N ASN A 46 6.30 -13.86 13.13
CA ASN A 46 7.03 -14.90 12.57
C ASN A 46 6.12 -16.13 12.60
N PRO A 47 6.04 -16.96 11.58
CA PRO A 47 6.79 -16.82 10.32
C PRO A 47 6.21 -15.77 9.45
N LYS A 48 7.04 -15.08 8.70
CA LYS A 48 6.67 -14.07 7.77
C LYS A 48 6.15 -14.63 6.44
N TYR A 49 6.43 -15.93 6.17
CA TYR A 49 6.12 -16.54 4.89
C TYR A 49 5.38 -17.84 4.95
N VAL A 50 4.63 -18.16 3.91
CA VAL A 50 3.99 -19.40 3.68
C VAL A 50 4.50 -19.93 2.30
N LEU A 51 4.70 -21.16 2.14
CA LEU A 51 5.09 -21.72 0.86
C LEU A 51 3.95 -22.61 0.35
N VAL A 52 3.67 -22.60 -0.95
CA VAL A 52 2.61 -23.44 -1.52
C VAL A 52 3.24 -24.28 -2.64
N GLU A 53 3.32 -25.57 -2.40
CA GLU A 53 3.88 -26.46 -3.40
C GLU A 53 2.79 -27.01 -4.30
N LEU A 54 2.75 -26.52 -5.55
CA LEU A 54 1.76 -26.90 -6.56
C LEU A 54 2.31 -28.13 -7.30
N GLN A 55 1.63 -29.24 -7.21
CA GLN A 55 2.02 -30.42 -7.93
C GLN A 55 1.14 -30.75 -9.13
N GLY A 56 1.72 -30.70 -10.30
CA GLY A 56 1.01 -30.95 -11.52
C GLY A 56 1.30 -32.37 -12.08
N SER A 57 0.66 -32.59 -13.18
CA SER A 57 0.80 -33.82 -13.96
C SER A 57 2.21 -33.93 -14.42
N ASN A 58 2.69 -35.18 -14.60
CA ASN A 58 4.02 -35.40 -15.09
C ASN A 58 5.23 -35.14 -14.14
N LYS A 59 5.05 -35.07 -12.80
CA LYS A 59 6.13 -34.83 -11.90
C LYS A 59 6.74 -33.42 -12.17
N LYS A 60 5.81 -32.49 -12.56
CA LYS A 60 6.18 -31.14 -12.74
C LYS A 60 5.65 -30.41 -11.48
N THR A 61 6.46 -29.58 -10.87
CA THR A 61 6.05 -28.94 -9.65
C THR A 61 6.59 -27.53 -9.62
N ILE A 62 5.99 -26.61 -8.84
CA ILE A 62 6.45 -25.25 -8.69
C ILE A 62 6.13 -24.97 -7.23
N THR A 63 7.05 -24.35 -6.50
CA THR A 63 6.70 -23.86 -5.20
C THR A 63 6.61 -22.40 -5.25
N LEU A 64 5.46 -21.92 -4.79
CA LEU A 64 5.04 -20.56 -4.73
C LEU A 64 5.48 -19.98 -3.39
N MET A 65 6.16 -18.80 -3.38
CA MET A 65 6.46 -18.12 -2.10
C MET A 65 5.49 -16.99 -1.78
N LEU A 66 4.87 -17.03 -0.63
CA LEU A 66 3.91 -15.98 -0.20
C LEU A 66 4.13 -15.28 1.09
N ARG A 67 4.00 -13.92 1.08
CA ARG A 67 4.21 -13.22 2.27
C ARG A 67 2.91 -13.15 3.07
N ARG A 68 2.92 -13.53 4.37
CA ARG A 68 1.72 -13.61 5.16
C ARG A 68 1.02 -12.30 5.34
N ASN A 69 1.75 -11.21 5.33
CA ASN A 69 1.22 -9.88 5.54
C ASN A 69 0.11 -9.42 4.61
N ASN A 70 0.32 -9.75 3.33
CA ASN A 70 -0.58 -9.28 2.29
C ASN A 70 -0.84 -10.37 1.24
N LEU A 71 -0.47 -11.63 1.59
CA LEU A 71 -0.50 -12.79 0.69
C LEU A 71 0.15 -12.61 -0.69
N TYR A 72 1.10 -11.74 -0.85
CA TYR A 72 1.72 -11.56 -2.16
C TYR A 72 2.67 -12.61 -2.53
N VAL A 73 2.64 -13.06 -3.81
CA VAL A 73 3.49 -14.00 -4.42
C VAL A 73 4.79 -13.29 -4.72
N MET A 74 5.88 -13.67 -3.99
CA MET A 74 7.18 -12.96 -4.13
C MET A 74 8.03 -13.54 -5.25
N GLY A 75 7.72 -14.73 -5.69
CA GLY A 75 8.38 -15.46 -6.75
C GLY A 75 8.10 -16.96 -6.51
N TYR A 76 8.78 -17.78 -7.31
CA TYR A 76 8.59 -19.23 -7.29
C TYR A 76 9.90 -20.02 -7.53
N SER A 77 9.86 -21.34 -7.30
CA SER A 77 11.01 -22.21 -7.60
C SER A 77 10.56 -23.39 -8.39
N ASP A 78 11.38 -23.98 -9.28
CA ASP A 78 11.02 -25.27 -9.92
C ASP A 78 12.26 -26.13 -9.84
N PRO A 79 12.14 -27.49 -9.65
CA PRO A 79 13.23 -28.48 -9.77
C PRO A 79 13.89 -28.36 -11.16
N PHE A 80 15.15 -28.15 -11.25
CA PHE A 80 15.84 -27.93 -12.52
C PHE A 80 17.04 -28.83 -12.60
N GLU A 81 17.29 -29.30 -13.84
CA GLU A 81 18.33 -30.26 -14.20
C GLU A 81 18.25 -31.44 -13.25
N THR A 82 19.37 -32.12 -12.74
CA THR A 82 19.12 -33.30 -11.97
C THR A 82 18.78 -32.82 -10.57
N ASN A 83 19.74 -32.21 -9.94
CA ASN A 83 19.63 -31.93 -8.47
C ASN A 83 19.66 -30.46 -8.22
N LYS A 84 19.10 -29.54 -9.03
CA LYS A 84 19.15 -28.14 -8.73
C LYS A 84 17.78 -27.52 -8.41
N CYS A 85 17.78 -26.45 -7.72
CA CYS A 85 16.52 -25.75 -7.32
C CYS A 85 16.63 -24.40 -8.06
N ARG A 86 15.78 -24.03 -8.97
CA ARG A 86 15.89 -22.75 -9.71
C ARG A 86 14.87 -21.81 -9.16
N TYR A 87 15.36 -20.69 -8.50
CA TYR A 87 14.46 -19.73 -7.90
C TYR A 87 14.28 -18.54 -8.81
N HIS A 88 13.08 -17.95 -8.77
CA HIS A 88 12.74 -16.84 -9.59
C HIS A 88 12.04 -15.77 -8.76
N ILE A 89 12.74 -14.68 -8.50
CA ILE A 89 12.32 -13.58 -7.64
C ILE A 89 11.67 -12.56 -8.56
N PHE A 90 10.60 -11.98 -8.06
CA PHE A 90 10.01 -10.87 -8.84
C PHE A 90 10.90 -9.63 -8.75
N ASN A 91 11.01 -8.88 -9.85
CA ASN A 91 11.77 -7.65 -9.96
C ASN A 91 11.46 -6.65 -8.92
N ASP A 92 10.27 -6.67 -8.31
CA ASP A 92 9.92 -5.73 -7.22
C ASP A 92 10.08 -6.20 -5.81
N ILE A 93 10.92 -7.21 -5.66
CA ILE A 93 11.25 -7.67 -4.32
C ILE A 93 12.66 -7.15 -4.06
N SER A 94 12.97 -6.58 -2.93
CA SER A 94 14.28 -5.98 -2.76
C SER A 94 14.74 -6.05 -1.30
N GLY A 95 16.01 -5.81 -1.09
CA GLY A 95 16.58 -5.77 0.28
C GLY A 95 16.69 -7.23 0.87
N THR A 96 16.52 -7.30 2.17
CA THR A 96 16.57 -8.56 2.93
C THR A 96 15.66 -9.62 2.33
N GLU A 97 14.48 -9.06 1.93
CA GLU A 97 13.41 -9.82 1.26
C GLU A 97 13.96 -10.70 0.11
N ARG A 98 14.84 -10.13 -0.75
CA ARG A 98 15.38 -10.94 -1.86
C ARG A 98 16.16 -12.08 -1.37
N GLN A 99 17.00 -11.91 -0.33
CA GLN A 99 17.78 -12.99 0.24
C GLN A 99 16.85 -14.03 0.86
N ASP A 100 15.75 -13.58 1.43
CA ASP A 100 14.77 -14.47 2.02
C ASP A 100 14.12 -15.39 1.04
N VAL A 101 13.84 -14.90 -0.18
CA VAL A 101 13.18 -15.69 -1.17
C VAL A 101 14.19 -16.81 -1.52
N GLU A 102 15.48 -16.48 -1.76
CA GLU A 102 16.51 -17.43 -2.10
C GLU A 102 16.60 -18.54 -1.09
N THR A 103 16.88 -18.10 0.14
CA THR A 103 16.98 -18.91 1.24
C THR A 103 15.79 -19.79 1.59
N THR A 104 14.58 -19.31 1.48
CA THR A 104 13.41 -20.07 1.89
C THR A 104 12.97 -20.98 0.75
N LEU A 105 12.99 -20.57 -0.48
CA LEU A 105 12.58 -21.42 -1.61
C LEU A 105 13.59 -22.50 -1.87
N CYS A 106 14.88 -22.18 -1.90
CA CYS A 106 15.84 -23.18 -2.18
C CYS A 106 16.74 -23.29 -0.95
N PRO A 107 16.43 -23.99 0.15
CA PRO A 107 17.15 -23.92 1.41
C PRO A 107 18.57 -24.46 1.40
N ASN A 108 18.97 -25.04 0.27
CA ASN A 108 20.23 -25.76 0.12
C ASN A 108 21.13 -25.00 -0.84
N ALA A 109 22.02 -24.18 -0.29
CA ALA A 109 23.11 -23.49 -1.01
C ALA A 109 23.97 -24.56 -1.63
N ASN A 110 24.71 -24.31 -2.68
CA ASN A 110 25.45 -25.33 -3.50
C ASN A 110 24.48 -25.97 -4.48
N SER A 111 23.18 -26.17 -4.31
CA SER A 111 22.42 -26.67 -5.41
C SER A 111 21.40 -25.70 -6.03
N ARG A 112 21.49 -24.37 -5.79
CA ARG A 112 20.48 -23.47 -6.32
C ARG A 112 20.91 -22.62 -7.53
N VAL A 113 20.02 -22.17 -8.33
CA VAL A 113 20.32 -21.34 -9.55
C VAL A 113 19.35 -20.24 -9.67
N SER A 114 19.73 -19.04 -10.23
CA SER A 114 18.83 -17.95 -10.47
C SER A 114 18.30 -17.93 -11.87
N LYS A 115 17.04 -17.43 -11.99
CA LYS A 115 16.48 -17.04 -13.24
C LYS A 115 15.45 -16.11 -12.69
N ASN A 116 15.70 -14.80 -12.83
CA ASN A 116 14.83 -13.78 -12.32
C ASN A 116 13.55 -13.59 -13.17
N ILE A 117 12.55 -12.92 -12.55
CA ILE A 117 11.39 -12.58 -13.33
C ILE A 117 11.66 -11.13 -13.65
N ASN A 118 12.05 -10.76 -14.81
CA ASN A 118 12.45 -9.34 -15.19
C ASN A 118 11.37 -8.33 -15.30
N PHE A 119 10.31 -8.41 -14.48
CA PHE A 119 9.15 -7.52 -14.49
C PHE A 119 8.50 -7.63 -13.15
N ASP A 120 7.67 -6.68 -12.76
CA ASP A 120 7.04 -6.67 -11.47
C ASP A 120 5.70 -7.42 -11.39
N SER A 121 5.25 -7.64 -10.15
CA SER A 121 4.04 -8.44 -9.92
C SER A 121 2.70 -7.78 -10.19
N ARG A 122 2.69 -6.50 -10.53
CA ARG A 122 1.39 -5.86 -10.74
C ARG A 122 0.65 -6.35 -12.02
N TYR A 123 -0.66 -6.49 -11.89
CA TYR A 123 -1.51 -6.97 -12.98
C TYR A 123 -1.37 -6.21 -14.27
N PRO A 124 -1.25 -4.85 -14.41
CA PRO A 124 -1.06 -4.17 -15.73
C PRO A 124 0.22 -4.60 -16.48
N THR A 125 1.25 -4.90 -15.72
CA THR A 125 2.52 -5.34 -16.22
C THR A 125 2.39 -6.76 -16.77
N LEU A 126 1.83 -7.61 -15.91
CA LEU A 126 1.57 -9.01 -16.26
C LEU A 126 0.72 -9.10 -17.51
N GLU A 127 -0.35 -8.35 -17.61
CA GLU A 127 -1.21 -8.31 -18.82
C GLU A 127 -0.40 -7.94 -20.05
N SER A 128 0.51 -7.03 -19.88
CA SER A 128 1.34 -6.48 -20.96
C SER A 128 2.30 -7.53 -21.48
N LYS A 129 2.97 -8.35 -20.66
CA LYS A 129 3.88 -9.32 -21.17
C LYS A 129 3.06 -10.48 -21.72
N ALA A 130 1.90 -10.76 -21.14
CA ALA A 130 0.94 -11.68 -21.68
C ALA A 130 0.44 -11.23 -23.08
N GLY A 131 0.56 -9.93 -23.37
CA GLY A 131 0.15 -9.40 -24.60
C GLY A 131 -1.35 -9.27 -24.72
N VAL A 132 -2.05 -9.05 -23.56
CA VAL A 132 -3.47 -8.96 -23.55
C VAL A 132 -3.92 -7.55 -23.11
N LYS A 133 -5.20 -7.16 -23.34
CA LYS A 133 -5.64 -5.89 -22.79
C LYS A 133 -6.00 -6.04 -21.33
N SER A 134 -6.77 -7.04 -20.95
CA SER A 134 -7.17 -7.29 -19.59
C SER A 134 -7.10 -8.77 -19.26
N ARG A 135 -6.79 -9.08 -18.04
CA ARG A 135 -6.91 -10.47 -17.49
C ARG A 135 -8.42 -10.61 -17.47
N SER A 136 -8.94 -11.52 -18.20
CA SER A 136 -10.38 -11.78 -18.47
C SER A 136 -10.28 -12.31 -19.88
N GLN A 137 -9.30 -11.90 -20.69
CA GLN A 137 -9.03 -12.49 -21.97
C GLN A 137 -8.09 -13.65 -21.81
N VAL A 138 -7.70 -14.00 -20.55
CA VAL A 138 -6.96 -15.23 -20.33
C VAL A 138 -7.77 -15.96 -19.29
N GLN A 139 -8.04 -17.16 -19.65
CA GLN A 139 -8.90 -18.04 -18.87
C GLN A 139 -8.19 -18.65 -17.76
N LEU A 140 -8.96 -18.96 -16.71
CA LEU A 140 -8.45 -19.64 -15.53
C LEU A 140 -9.08 -21.03 -15.51
N GLY A 141 -8.56 -21.88 -14.66
CA GLY A 141 -9.10 -23.24 -14.50
C GLY A 141 -8.00 -24.16 -14.04
N ILE A 142 -8.38 -25.22 -13.38
CA ILE A 142 -7.49 -26.28 -12.86
C ILE A 142 -6.71 -26.90 -14.02
N GLN A 143 -7.28 -27.40 -15.07
CA GLN A 143 -6.51 -27.96 -16.19
C GLN A 143 -5.49 -26.96 -16.71
N ILE A 144 -5.91 -25.64 -16.84
CA ILE A 144 -5.02 -24.61 -17.28
C ILE A 144 -3.87 -24.33 -16.34
N LEU A 145 -4.07 -24.39 -15.01
CA LEU A 145 -3.02 -24.27 -14.02
C LEU A 145 -2.02 -25.36 -14.18
N ASP A 146 -2.52 -26.58 -14.36
CA ASP A 146 -1.73 -27.73 -14.60
C ASP A 146 -0.85 -27.61 -15.84
N SER A 147 -1.45 -27.29 -16.99
CA SER A 147 -0.62 -27.17 -18.15
C SER A 147 0.40 -26.10 -18.09
N ASN A 148 0.02 -24.98 -17.42
CA ASN A 148 0.96 -23.89 -17.24
C ASN A 148 2.14 -24.30 -16.42
N ILE A 149 1.94 -24.96 -15.31
CA ILE A 149 3.00 -25.52 -14.53
C ILE A 149 3.93 -26.33 -15.47
N GLY A 150 3.27 -27.13 -16.36
CA GLY A 150 3.95 -27.93 -17.36
C GLY A 150 4.76 -27.14 -18.35
N LYS A 151 4.38 -25.93 -18.76
CA LYS A 151 5.21 -25.16 -19.65
C LYS A 151 6.45 -24.50 -18.99
N ILE A 152 6.52 -24.45 -17.64
CA ILE A 152 7.59 -23.75 -16.95
C ILE A 152 8.57 -24.66 -16.20
N SER A 153 7.96 -25.55 -15.45
CA SER A 153 8.65 -26.51 -14.58
C SER A 153 9.70 -27.31 -15.31
N GLY A 154 10.93 -27.08 -14.84
CA GLY A 154 12.13 -27.63 -15.32
C GLY A 154 12.48 -27.30 -16.75
N VAL A 155 11.92 -26.27 -17.42
CA VAL A 155 12.32 -26.08 -18.82
C VAL A 155 13.33 -24.92 -18.91
N MET A 156 14.33 -25.20 -19.74
CA MET A 156 15.49 -24.32 -20.00
C MET A 156 15.17 -22.88 -20.49
N SER A 157 14.26 -22.66 -21.39
CA SER A 157 13.96 -21.35 -21.86
C SER A 157 12.46 -21.35 -22.02
N PHE A 158 11.79 -20.24 -21.72
CA PHE A 158 10.34 -20.31 -21.86
C PHE A 158 9.59 -19.06 -22.32
N THR A 159 10.32 -17.94 -22.44
CA THR A 159 9.73 -16.67 -22.84
C THR A 159 8.86 -15.95 -21.83
N GLU A 160 8.86 -14.56 -21.88
CA GLU A 160 8.06 -13.72 -20.94
C GLU A 160 6.58 -13.85 -21.09
N LYS A 161 6.03 -14.10 -22.25
CA LYS A 161 4.59 -14.23 -22.43
C LYS A 161 4.11 -15.53 -21.72
N THR A 162 4.82 -16.61 -21.80
CA THR A 162 4.50 -17.89 -21.11
C THR A 162 4.60 -17.67 -19.60
N GLU A 163 5.63 -16.93 -19.19
CA GLU A 163 5.81 -16.73 -17.75
C GLU A 163 4.74 -15.79 -17.17
N ALA A 164 4.38 -14.69 -17.81
CA ALA A 164 3.31 -13.80 -17.33
C ALA A 164 1.97 -14.54 -17.30
N GLU A 165 1.69 -15.38 -18.32
CA GLU A 165 0.48 -16.21 -18.38
C GLU A 165 0.42 -17.11 -17.19
N PHE A 166 1.50 -17.83 -16.84
CA PHE A 166 1.49 -18.73 -15.69
C PHE A 166 1.11 -17.98 -14.46
N LEU A 167 1.80 -16.82 -14.26
CA LEU A 167 1.67 -16.00 -13.07
C LEU A 167 0.30 -15.43 -12.96
N LEU A 168 -0.39 -15.02 -14.06
CA LEU A 168 -1.72 -14.52 -13.91
C LEU A 168 -2.73 -15.52 -13.44
N VAL A 169 -2.68 -16.75 -13.96
CA VAL A 169 -3.52 -17.86 -13.50
C VAL A 169 -3.19 -18.25 -12.12
N ALA A 170 -1.88 -18.42 -11.69
CA ALA A 170 -1.52 -18.82 -10.34
C ALA A 170 -1.88 -17.81 -9.27
N ILE A 171 -1.58 -16.50 -9.43
CA ILE A 171 -1.93 -15.55 -8.39
C ILE A 171 -3.46 -15.51 -8.18
N GLN A 172 -4.28 -15.56 -9.26
CA GLN A 172 -5.69 -15.54 -9.09
C GLN A 172 -6.26 -16.81 -8.47
N MET A 173 -5.66 -17.95 -8.75
CA MET A 173 -6.20 -19.16 -8.21
C MET A 173 -5.67 -19.55 -6.84
N VAL A 174 -4.55 -18.97 -6.42
CA VAL A 174 -4.08 -19.29 -5.08
C VAL A 174 -4.34 -18.04 -4.16
N SER A 175 -3.61 -16.92 -4.33
CA SER A 175 -3.74 -15.77 -3.45
C SER A 175 -5.12 -15.18 -3.48
N GLU A 176 -5.72 -14.84 -4.68
CA GLU A 176 -7.06 -14.27 -4.70
C GLU A 176 -8.17 -15.12 -4.22
N ALA A 177 -8.22 -16.45 -4.59
CA ALA A 177 -9.25 -17.31 -4.12
C ALA A 177 -9.24 -17.44 -2.60
N ALA A 178 -8.03 -17.42 -1.97
CA ALA A 178 -7.94 -17.44 -0.52
C ALA A 178 -8.45 -16.22 0.14
N ARG A 179 -8.29 -15.03 -0.47
CA ARG A 179 -8.76 -13.75 0.11
C ARG A 179 -10.27 -13.68 -0.01
N PHE A 180 -10.76 -14.01 -1.13
CA PHE A 180 -12.19 -13.95 -1.46
C PHE A 180 -12.81 -15.32 -1.69
N LYS A 181 -13.72 -15.51 -0.76
CA LYS A 181 -14.61 -16.70 -0.76
C LYS A 181 -15.39 -16.66 -2.08
N TYR A 182 -15.72 -15.46 -2.61
CA TYR A 182 -16.38 -15.42 -3.92
C TYR A 182 -15.53 -16.01 -5.00
N ILE A 183 -14.23 -15.75 -5.13
CA ILE A 183 -13.46 -16.31 -6.24
C ILE A 183 -13.27 -17.82 -6.00
N GLU A 184 -13.07 -18.29 -4.77
CA GLU A 184 -13.06 -19.70 -4.47
C GLU A 184 -14.30 -20.36 -5.04
N ASN A 185 -15.46 -19.80 -4.78
CA ASN A 185 -16.68 -20.28 -5.34
C ASN A 185 -16.77 -20.19 -6.85
N GLN A 186 -16.16 -19.17 -7.51
CA GLN A 186 -16.21 -19.10 -8.95
C GLN A 186 -15.46 -20.27 -9.60
N VAL A 187 -14.41 -20.69 -8.93
CA VAL A 187 -13.57 -21.83 -9.36
C VAL A 187 -14.32 -23.14 -9.15
N LYS A 188 -15.03 -23.21 -8.03
CA LYS A 188 -15.77 -24.46 -7.73
C LYS A 188 -16.86 -24.56 -8.73
N THR A 189 -17.68 -23.55 -8.97
CA THR A 189 -18.77 -23.59 -9.99
C THR A 189 -18.35 -23.97 -11.41
N ASN A 190 -17.11 -23.73 -11.75
CA ASN A 190 -16.62 -24.01 -13.05
C ASN A 190 -15.53 -25.02 -12.98
N PHE A 191 -15.41 -25.89 -11.97
CA PHE A 191 -14.34 -26.78 -11.76
C PHE A 191 -13.91 -27.68 -12.91
N ASN A 192 -14.78 -28.04 -13.91
CA ASN A 192 -14.35 -28.95 -14.96
C ASN A 192 -14.16 -28.20 -16.28
N ARG A 193 -14.03 -26.86 -16.32
CA ARG A 193 -13.89 -26.11 -17.56
C ARG A 193 -13.13 -24.78 -17.32
N ALA A 194 -12.58 -24.29 -18.38
CA ALA A 194 -11.91 -22.99 -18.33
C ALA A 194 -12.99 -21.94 -18.11
N PHE A 195 -12.75 -20.82 -17.41
CA PHE A 195 -13.68 -19.74 -17.36
C PHE A 195 -12.88 -18.52 -17.50
N ASN A 196 -13.53 -17.42 -17.87
CA ASN A 196 -13.00 -16.06 -18.03
C ASN A 196 -13.49 -15.34 -16.81
N PRO A 197 -12.63 -14.59 -16.12
CA PRO A 197 -12.96 -13.78 -14.92
C PRO A 197 -14.10 -12.74 -15.16
N ASN A 198 -15.15 -12.76 -14.35
CA ASN A 198 -16.16 -11.77 -14.53
C ASN A 198 -15.77 -10.43 -13.92
N PRO A 199 -16.38 -9.29 -14.18
CA PRO A 199 -16.14 -8.03 -13.54
C PRO A 199 -16.07 -7.99 -12.04
N LYS A 200 -16.94 -8.75 -11.32
CA LYS A 200 -16.90 -8.75 -9.87
C LYS A 200 -15.58 -9.37 -9.33
N VAL A 201 -15.01 -10.42 -9.97
CA VAL A 201 -13.79 -10.93 -9.47
C VAL A 201 -12.69 -9.91 -9.76
N LEU A 202 -12.61 -9.27 -10.92
CA LEU A 202 -11.54 -8.31 -11.13
C LEU A 202 -11.71 -7.09 -10.23
N ASN A 203 -12.98 -6.76 -9.91
CA ASN A 203 -13.19 -5.58 -9.06
C ASN A 203 -12.71 -5.83 -7.68
N LEU A 204 -13.14 -7.01 -7.13
CA LEU A 204 -12.81 -7.40 -5.75
C LEU A 204 -11.31 -7.48 -5.53
N GLN A 205 -10.58 -8.05 -6.51
CA GLN A 205 -9.17 -8.07 -6.54
C GLN A 205 -8.58 -6.70 -6.29
N GLU A 206 -8.85 -5.79 -7.21
CA GLU A 206 -8.35 -4.44 -7.10
C GLU A 206 -8.89 -3.63 -5.90
N THR A 207 -10.05 -3.92 -5.27
CA THR A 207 -10.47 -3.14 -4.16
C THR A 207 -10.21 -3.83 -2.80
N TRP A 208 -9.44 -4.94 -2.66
CA TRP A 208 -9.22 -5.61 -1.41
C TRP A 208 -8.65 -4.74 -0.27
N GLY A 209 -7.79 -3.77 -0.57
CA GLY A 209 -7.22 -2.90 0.48
C GLY A 209 -8.31 -2.07 1.10
N LYS A 210 -9.06 -1.41 0.21
CA LYS A 210 -10.13 -0.52 0.59
C LYS A 210 -11.20 -1.27 1.37
N ILE A 211 -11.60 -2.50 0.95
CA ILE A 211 -12.49 -3.37 1.72
C ILE A 211 -11.97 -3.63 3.08
N SER A 212 -10.70 -3.95 3.26
CA SER A 212 -10.10 -4.23 4.55
C SER A 212 -10.10 -3.06 5.54
N THR A 213 -9.81 -1.91 4.99
CA THR A 213 -9.82 -0.66 5.72
C THR A 213 -11.25 -0.36 6.21
N ALA A 214 -12.21 -0.51 5.27
CA ALA A 214 -13.59 -0.25 5.48
C ALA A 214 -14.28 -1.07 6.54
N ILE A 215 -13.99 -2.35 6.56
CA ILE A 215 -14.60 -3.26 7.56
C ILE A 215 -13.91 -3.01 8.92
N HIS A 216 -12.60 -2.82 8.94
CA HIS A 216 -11.90 -2.50 10.17
C HIS A 216 -12.45 -1.28 10.87
N ASP A 217 -12.65 -0.22 10.05
CA ASP A 217 -13.17 1.01 10.56
C ASP A 217 -14.66 1.11 10.79
N ALA A 218 -15.46 0.19 10.29
CA ALA A 218 -16.91 0.23 10.43
C ALA A 218 -17.32 0.22 11.92
N LYS A 219 -18.19 1.12 12.29
CA LYS A 219 -18.70 1.21 13.63
C LYS A 219 -20.04 0.54 13.70
N ASN A 220 -20.41 -0.14 14.79
CA ASN A 220 -21.71 -0.84 14.94
C ASN A 220 -22.31 -1.51 13.73
N GLY A 221 -21.40 -2.14 12.92
CA GLY A 221 -21.77 -2.87 11.70
C GLY A 221 -21.81 -1.94 10.48
N VAL A 222 -22.00 -0.64 10.64
CA VAL A 222 -22.16 0.25 9.47
C VAL A 222 -20.77 0.82 9.07
N LEU A 223 -20.51 0.74 7.72
CA LEU A 223 -19.28 1.19 7.11
C LEU A 223 -19.01 2.72 7.23
N PRO A 224 -17.78 3.31 7.20
CA PRO A 224 -17.57 4.74 7.39
C PRO A 224 -18.14 5.67 6.37
N LYS A 225 -18.24 5.18 5.11
CA LYS A 225 -18.80 5.94 3.97
C LYS A 225 -18.95 4.95 2.81
N PRO A 226 -20.15 4.79 2.19
CA PRO A 226 -20.53 3.65 1.39
C PRO A 226 -19.52 3.26 0.32
N LEU A 227 -19.36 1.92 0.25
CA LEU A 227 -18.33 1.32 -0.60
C LEU A 227 -18.92 1.04 -1.98
N GLU A 228 -18.47 1.69 -3.07
CA GLU A 228 -18.98 1.45 -4.41
C GLU A 228 -18.11 0.38 -5.07
N LEU A 229 -18.77 -0.65 -5.47
CA LEU A 229 -18.17 -1.90 -5.99
C LEU A 229 -18.88 -2.21 -7.32
N VAL A 230 -18.43 -3.29 -8.00
CA VAL A 230 -19.00 -3.77 -9.26
C VAL A 230 -19.48 -5.20 -9.13
N ASP A 231 -20.70 -5.50 -9.51
CA ASP A 231 -21.15 -6.94 -9.45
C ASP A 231 -20.83 -7.68 -10.70
N ALA A 232 -21.04 -9.00 -10.69
CA ALA A 232 -20.73 -9.93 -11.79
C ALA A 232 -21.21 -9.62 -13.19
N SER A 233 -22.25 -8.75 -13.29
CA SER A 233 -22.82 -8.28 -14.58
C SER A 233 -22.12 -7.06 -15.15
N GLY A 234 -21.63 -6.21 -14.23
CA GLY A 234 -20.97 -4.99 -14.67
C GLY A 234 -21.55 -3.83 -13.90
N ALA A 235 -22.77 -4.02 -13.40
CA ALA A 235 -23.42 -2.96 -12.64
C ALA A 235 -22.65 -2.54 -11.44
N LYS A 236 -22.84 -1.26 -11.13
CA LYS A 236 -22.33 -0.63 -9.90
C LYS A 236 -23.10 -1.32 -8.75
N TRP A 237 -22.47 -1.54 -7.58
CA TRP A 237 -23.13 -2.19 -6.47
C TRP A 237 -22.70 -1.22 -5.34
N ILE A 238 -23.58 -0.86 -4.41
CA ILE A 238 -23.26 0.08 -3.33
C ILE A 238 -23.41 -0.67 -2.00
N VAL A 239 -22.37 -0.85 -1.25
CA VAL A 239 -22.61 -1.51 0.03
C VAL A 239 -22.47 -0.52 1.14
N LEU A 240 -23.34 -0.67 2.14
CA LEU A 240 -23.36 0.24 3.27
C LEU A 240 -22.97 -0.42 4.59
N ARG A 241 -23.22 -1.74 4.78
CA ARG A 241 -22.96 -2.42 6.04
C ARG A 241 -21.98 -3.63 5.87
N VAL A 242 -21.37 -4.09 6.98
CA VAL A 242 -20.41 -5.16 6.81
C VAL A 242 -21.13 -6.49 6.45
N ASP A 243 -22.37 -6.72 6.89
CA ASP A 243 -23.14 -7.91 6.45
C ASP A 243 -23.26 -8.00 4.94
N GLU A 244 -23.22 -6.88 4.19
CA GLU A 244 -23.37 -6.96 2.75
C GLU A 244 -22.22 -7.54 2.00
N ILE A 245 -21.04 -7.16 2.40
CA ILE A 245 -19.81 -7.59 1.78
C ILE A 245 -19.22 -8.82 2.48
N LYS A 246 -19.42 -9.00 3.81
CA LYS A 246 -18.81 -10.12 4.56
C LYS A 246 -18.98 -11.52 4.00
N PRO A 247 -20.08 -11.97 3.34
CA PRO A 247 -20.14 -13.27 2.68
C PRO A 247 -19.07 -13.49 1.64
N ASP A 248 -18.64 -12.49 0.90
CA ASP A 248 -17.61 -12.70 -0.11
C ASP A 248 -16.15 -12.71 0.28
N VAL A 249 -15.86 -12.33 1.52
CA VAL A 249 -14.50 -12.07 1.95
C VAL A 249 -14.06 -13.04 3.01
N ALA A 250 -12.96 -13.77 2.79
CA ALA A 250 -12.44 -14.69 3.74
C ALA A 250 -11.27 -14.16 4.52
N LEU A 251 -10.46 -13.21 3.95
CA LEU A 251 -9.33 -12.66 4.67
C LEU A 251 -9.22 -11.11 4.47
N LEU A 252 -9.01 -10.45 5.60
CA LEU A 252 -8.77 -9.03 5.66
C LEU A 252 -7.30 -8.76 5.60
N ASN A 253 -6.87 -7.70 4.97
CA ASN A 253 -5.50 -7.27 4.86
C ASN A 253 -5.08 -6.56 6.15
N TYR A 254 -3.83 -6.52 6.59
CA TYR A 254 -3.50 -5.84 7.79
C TYR A 254 -3.71 -4.32 7.64
N VAL A 255 -4.36 -3.79 8.66
CA VAL A 255 -4.74 -2.39 8.88
C VAL A 255 -4.54 -2.26 10.38
N GLY A 256 -3.65 -1.43 10.89
CA GLY A 256 -3.45 -1.43 12.34
C GLY A 256 -4.61 -0.78 13.13
N GLY A 257 -4.59 -1.03 14.47
CA GLY A 257 -5.62 -0.36 15.32
C GLY A 257 -6.73 -1.28 15.80
N SER A 258 -7.61 -0.91 16.68
CA SER A 258 -8.59 -1.80 17.21
C SER A 258 -9.81 -1.86 16.24
N CYS A 259 -10.63 -2.88 16.31
CA CYS A 259 -11.89 -2.95 15.48
C CYS A 259 -12.82 -3.88 16.23
N GLN A 260 -14.12 -3.85 15.91
CA GLN A 260 -15.05 -4.77 16.57
C GLN A 260 -14.81 -6.17 16.04
N THR A 261 -14.31 -6.90 17.02
CA THR A 261 -13.85 -8.27 16.92
C THR A 261 -14.81 -9.26 16.30
N THR A 262 -15.94 -9.42 16.94
CA THR A 262 -16.94 -10.41 16.54
C THR A 262 -18.27 -9.75 16.87
N VAL B 1 20.49 12.19 3.91
CA VAL B 1 19.19 12.52 4.36
C VAL B 1 19.39 14.02 4.48
N ASN B 2 18.71 14.79 3.62
CA ASN B 2 18.83 16.26 3.61
C ASN B 2 17.64 16.78 4.45
N THR B 3 17.85 17.85 5.05
CA THR B 3 16.81 18.53 5.79
C THR B 3 16.50 19.86 5.07
N ILE B 4 15.20 20.06 4.93
CA ILE B 4 14.66 21.21 4.26
C ILE B 4 14.19 22.12 5.44
N ILE B 5 14.66 23.36 5.50
CA ILE B 5 14.27 24.26 6.57
C ILE B 5 13.07 25.14 6.16
N TYR B 6 12.03 25.31 6.98
CA TYR B 6 10.95 26.21 6.67
C TYR B 6 10.50 26.91 7.96
N ASN B 7 10.51 28.23 7.87
CA ASN B 7 10.12 29.05 8.99
C ASN B 7 8.67 29.48 8.89
N VAL B 8 7.93 28.86 9.80
CA VAL B 8 6.45 29.09 9.93
C VAL B 8 6.18 30.43 10.55
N GLY B 9 6.99 30.86 11.53
CA GLY B 9 6.78 32.05 12.27
C GLY B 9 6.98 33.32 11.42
N SER B 10 7.58 33.31 10.26
CA SER B 10 7.65 34.48 9.47
C SER B 10 7.65 34.04 8.02
N THR B 11 6.58 34.29 7.30
CA THR B 11 6.46 33.81 5.95
C THR B 11 5.61 34.69 5.06
N THR B 12 5.69 34.34 3.73
CA THR B 12 4.86 34.98 2.71
C THR B 12 4.53 33.77 1.78
N ILE B 13 3.62 33.94 0.74
CA ILE B 13 3.25 32.79 -0.06
C ILE B 13 4.39 32.36 -0.97
N SER B 14 5.33 33.25 -1.38
CA SER B 14 6.48 32.74 -2.18
C SER B 14 7.36 31.86 -1.41
N LYS B 15 7.54 32.14 -0.18
CA LYS B 15 8.38 31.26 0.67
C LYS B 15 7.81 29.85 0.82
N TYR B 16 6.50 29.76 1.08
CA TYR B 16 5.83 28.45 1.18
C TYR B 16 5.91 27.73 -0.13
N ALA B 17 5.66 28.33 -1.25
CA ALA B 17 5.81 27.71 -2.58
C ALA B 17 7.25 27.25 -2.80
N THR B 18 8.27 28.01 -2.54
CA THR B 18 9.68 27.55 -2.65
C THR B 18 9.93 26.33 -1.70
N PHE B 19 9.43 26.31 -0.51
CA PHE B 19 9.64 25.23 0.41
C PHE B 19 9.03 23.96 -0.20
N LEU B 20 7.77 23.98 -0.70
CA LEU B 20 7.17 22.76 -1.21
C LEU B 20 7.83 22.37 -2.52
N ASN B 21 8.35 23.28 -3.26
CA ASN B 21 9.01 22.95 -4.53
C ASN B 21 10.37 22.28 -4.21
N ASP B 22 10.94 22.72 -3.10
CA ASP B 22 12.17 22.06 -2.53
C ASP B 22 11.89 20.72 -2.01
N LEU B 23 10.82 20.46 -1.25
CA LEU B 23 10.54 19.13 -0.73
C LEU B 23 10.26 18.18 -1.90
N ARG B 24 9.50 18.61 -2.88
CA ARG B 24 9.17 17.80 -4.02
C ARG B 24 10.39 17.39 -4.79
N ASN B 25 11.29 18.29 -5.12
CA ASN B 25 12.50 17.94 -5.86
C ASN B 25 13.36 17.00 -5.10
N GLU B 26 13.34 17.15 -3.79
CA GLU B 26 14.14 16.34 -2.93
C GLU B 26 13.61 14.91 -2.71
N ALA B 27 12.29 14.80 -2.85
CA ALA B 27 11.62 13.53 -2.59
C ALA B 27 11.46 12.68 -3.86
N LYS B 28 11.17 13.30 -4.94
CA LYS B 28 10.99 12.64 -6.21
C LYS B 28 12.21 11.82 -6.63
N ASP B 29 11.96 10.77 -7.39
CA ASP B 29 13.06 10.01 -7.96
C ASP B 29 13.52 10.98 -9.06
N PRO B 30 14.82 11.12 -9.39
CA PRO B 30 15.29 12.01 -10.39
C PRO B 30 14.78 11.71 -11.82
N SER B 31 14.35 10.49 -12.15
CA SER B 31 14.05 10.27 -13.60
C SER B 31 12.64 9.76 -13.86
N LEU B 32 12.11 9.02 -12.94
CA LEU B 32 10.75 8.47 -13.02
C LEU B 32 9.65 9.55 -13.09
N LYS B 33 8.87 9.55 -14.21
CA LYS B 33 7.76 10.45 -14.34
C LYS B 33 6.75 9.81 -15.24
N CYS B 34 5.45 10.03 -14.99
CA CYS B 34 4.40 9.54 -15.87
C CYS B 34 3.61 10.80 -16.26
N TYR B 35 3.52 11.00 -17.58
CA TYR B 35 2.78 12.08 -18.24
C TYR B 35 3.21 13.47 -17.66
N GLY B 36 4.48 13.66 -17.55
CA GLY B 36 5.00 14.89 -16.93
C GLY B 36 4.91 14.98 -15.41
N ILE B 37 4.26 14.11 -14.68
CA ILE B 37 4.16 14.26 -13.26
C ILE B 37 5.28 13.38 -12.64
N PRO B 38 6.18 13.93 -11.74
CA PRO B 38 7.25 13.19 -11.09
C PRO B 38 6.71 12.15 -10.16
N MET B 39 7.43 11.06 -10.11
CA MET B 39 7.06 9.91 -9.30
C MET B 39 7.94 9.74 -8.07
N LEU B 40 7.39 9.30 -6.93
CA LEU B 40 8.19 9.04 -5.78
C LEU B 40 9.01 7.75 -5.92
N PRO B 41 10.16 7.55 -5.26
CA PRO B 41 11.00 6.45 -5.44
C PRO B 41 10.51 5.16 -4.83
N ASN B 42 11.26 4.17 -5.35
CA ASN B 42 11.26 2.82 -4.95
C ASN B 42 11.84 2.79 -3.52
N THR B 43 11.45 1.89 -2.63
CA THR B 43 12.04 1.80 -1.30
C THR B 43 13.53 1.67 -1.22
N ASN B 44 14.14 1.15 -2.31
CA ASN B 44 15.56 1.00 -2.42
C ASN B 44 16.34 2.29 -2.62
N THR B 45 15.78 3.38 -3.20
CA THR B 45 16.62 4.54 -3.47
C THR B 45 17.09 5.11 -2.15
N ASN B 46 18.40 5.36 -2.13
CA ASN B 46 18.99 6.03 -1.02
C ASN B 46 19.13 7.47 -1.50
N PRO B 47 18.89 8.54 -0.67
CA PRO B 47 18.37 8.39 0.67
C PRO B 47 16.91 7.92 0.75
N LYS B 48 16.59 7.18 1.76
CA LYS B 48 15.23 6.74 1.96
C LYS B 48 14.35 7.80 2.67
N TYR B 49 15.03 8.81 3.27
CA TYR B 49 14.30 9.76 4.04
C TYR B 49 14.62 11.20 3.73
N VAL B 50 13.63 12.08 4.01
CA VAL B 50 13.78 13.55 3.97
C VAL B 50 13.40 14.04 5.35
N LEU B 51 14.07 15.06 5.85
CA LEU B 51 13.75 15.67 7.15
C LEU B 51 13.25 17.09 6.88
N VAL B 52 12.18 17.52 7.58
CA VAL B 52 11.64 18.88 7.39
C VAL B 52 11.69 19.55 8.76
N GLU B 53 12.56 20.55 8.85
CA GLU B 53 12.69 21.28 10.11
C GLU B 53 11.75 22.49 10.09
N LEU B 54 10.70 22.41 10.91
CA LEU B 54 9.69 23.51 10.96
C LEU B 54 10.09 24.43 12.08
N GLN B 55 10.33 25.70 11.75
CA GLN B 55 10.72 26.68 12.77
C GLN B 55 9.65 27.67 13.05
N GLY B 56 9.15 27.63 14.29
CA GLY B 56 8.08 28.47 14.68
C GLY B 56 8.57 29.70 15.53
N SER B 57 7.60 30.51 15.91
CA SER B 57 7.80 31.69 16.79
C SER B 57 8.34 31.18 18.07
N ASN B 58 9.11 32.03 18.76
CA ASN B 58 9.70 31.75 20.05
C ASN B 58 10.79 30.74 20.13
N LYS B 59 11.54 30.42 19.10
CA LYS B 59 12.63 29.42 19.12
C LYS B 59 12.06 28.05 19.51
N LYS B 60 10.83 27.82 18.98
CA LYS B 60 10.20 26.48 19.15
C LYS B 60 10.40 25.86 17.79
N THR B 61 10.80 24.56 17.72
CA THR B 61 11.08 23.90 16.45
C THR B 61 10.64 22.45 16.56
N ILE B 62 10.34 21.82 15.47
CA ILE B 62 10.00 20.41 15.42
C ILE B 62 10.60 19.92 14.09
N THR B 63 11.31 18.83 14.10
CA THR B 63 11.76 18.25 12.89
C THR B 63 10.85 17.10 12.60
N LEU B 64 10.33 17.10 11.39
CA LEU B 64 9.45 16.08 10.85
C LEU B 64 10.27 15.04 10.07
N MET B 65 10.07 13.76 10.32
CA MET B 65 10.72 12.76 9.52
C MET B 65 9.79 12.18 8.45
N LEU B 66 10.22 12.17 7.16
CA LEU B 66 9.41 11.68 6.10
C LEU B 66 10.06 10.63 5.20
N ARG B 67 9.33 9.56 4.92
CA ARG B 67 9.82 8.49 4.05
C ARG B 67 9.57 8.94 2.56
N ARG B 68 10.62 8.95 1.74
CA ARG B 68 10.55 9.40 0.37
C ARG B 68 9.61 8.56 -0.50
N ASN B 69 9.44 7.26 -0.18
CA ASN B 69 8.60 6.31 -0.95
C ASN B 69 7.16 6.68 -1.11
N ASN B 70 6.55 7.20 -0.01
CA ASN B 70 5.16 7.53 0.04
C ASN B 70 4.94 8.84 0.83
N LEU B 71 5.94 9.66 1.04
CA LEU B 71 5.93 10.85 1.83
C LEU B 71 5.32 10.72 3.23
N TYR B 72 5.27 9.62 3.88
CA TYR B 72 4.65 9.50 5.19
C TYR B 72 5.50 10.03 6.32
N VAL B 73 4.84 10.71 7.23
CA VAL B 73 5.49 11.24 8.42
C VAL B 73 5.62 10.12 9.35
N MET B 74 6.82 9.75 9.69
CA MET B 74 7.15 8.57 10.57
C MET B 74 7.16 8.88 12.08
N GLY B 75 7.26 10.21 12.31
CA GLY B 75 7.37 10.75 13.66
C GLY B 75 8.07 12.12 13.57
N TYR B 76 8.37 12.68 14.76
CA TYR B 76 9.00 14.00 14.84
C TYR B 76 9.98 14.05 16.04
N SER B 77 10.80 15.13 16.11
CA SER B 77 11.68 15.34 17.27
C SER B 77 11.52 16.79 17.69
N ASP B 78 11.73 17.12 18.99
CA ASP B 78 11.73 18.51 19.43
C ASP B 78 12.94 18.65 20.34
N PRO B 79 13.67 19.82 20.37
CA PRO B 79 14.70 20.13 21.39
C PRO B 79 14.07 20.12 22.79
N PHE B 80 14.62 19.33 23.69
CA PHE B 80 14.06 19.13 25.02
C PHE B 80 15.15 19.35 26.07
N GLU B 81 14.66 19.90 27.16
CA GLU B 81 15.52 20.37 28.30
C GLU B 81 16.72 21.13 27.82
N THR B 82 17.94 21.05 28.35
CA THR B 82 18.97 21.93 27.84
C THR B 82 19.48 21.39 26.51
N ASN B 83 20.13 20.19 26.60
CA ASN B 83 20.86 19.71 25.46
C ASN B 83 20.31 18.34 25.02
N LYS B 84 19.00 18.08 25.06
CA LYS B 84 18.45 16.77 24.62
C LYS B 84 17.58 16.88 23.36
N CYS B 85 17.50 15.72 22.68
CA CYS B 85 16.73 15.67 21.47
C CYS B 85 15.68 14.63 21.78
N ARG B 86 14.35 15.01 21.77
CA ARG B 86 13.33 14.08 22.15
C ARG B 86 12.60 13.58 20.93
N TYR B 87 12.75 12.25 20.60
CA TYR B 87 12.15 11.71 19.38
C TYR B 87 10.85 11.05 19.71
N HIS B 88 9.90 11.09 18.71
CA HIS B 88 8.59 10.58 18.89
C HIS B 88 8.26 9.78 17.65
N ILE B 89 8.22 8.47 17.79
CA ILE B 89 8.00 7.50 16.69
C ILE B 89 6.49 7.18 16.69
N PHE B 90 5.88 7.08 15.50
CA PHE B 90 4.52 6.66 15.46
C PHE B 90 4.41 5.16 15.81
N ASN B 91 3.39 4.77 16.50
CA ASN B 91 3.07 3.40 16.91
C ASN B 91 3.13 2.41 15.74
N ASP B 92 2.89 2.84 14.50
CA ASP B 92 2.86 1.94 13.35
C ASP B 92 4.16 1.95 12.54
N ILE B 93 5.27 2.26 13.21
CA ILE B 93 6.55 2.20 12.55
C ILE B 93 7.17 1.03 13.25
N SER B 94 7.86 0.14 12.55
CA SER B 94 8.40 -1.08 13.23
C SER B 94 9.62 -1.56 12.50
N GLY B 95 10.35 -2.45 13.20
CA GLY B 95 11.55 -3.06 12.61
C GLY B 95 12.74 -2.14 12.52
N THR B 96 13.56 -2.28 11.46
CA THR B 96 14.68 -1.40 11.23
C THR B 96 14.29 0.02 11.21
N GLU B 97 13.14 0.29 10.60
CA GLU B 97 12.52 1.59 10.47
C GLU B 97 12.44 2.32 11.83
N ARG B 98 12.08 1.64 12.92
CA ARG B 98 12.09 2.34 14.22
C ARG B 98 13.46 2.85 14.60
N GLN B 99 14.53 2.00 14.36
CA GLN B 99 15.86 2.47 14.68
C GLN B 99 16.27 3.61 13.84
N ASP B 100 15.79 3.61 12.60
CA ASP B 100 16.13 4.59 11.63
C ASP B 100 15.60 5.96 12.04
N VAL B 101 14.42 5.94 12.65
CA VAL B 101 13.81 7.21 13.02
C VAL B 101 14.66 7.75 14.16
N GLU B 102 15.00 6.94 15.12
CA GLU B 102 15.87 7.34 16.27
C GLU B 102 17.17 7.94 15.83
N THR B 103 17.88 7.17 15.04
CA THR B 103 19.16 7.55 14.50
C THR B 103 19.11 8.76 13.56
N THR B 104 18.12 8.93 12.73
CA THR B 104 18.16 10.00 11.78
C THR B 104 17.65 11.28 12.44
N LEU B 105 16.60 11.20 13.26
CA LEU B 105 16.09 12.42 13.92
C LEU B 105 17.02 12.94 15.00
N CYS B 106 17.54 12.09 15.83
CA CYS B 106 18.43 12.56 16.84
C CYS B 106 19.77 11.88 16.62
N PRO B 107 20.66 12.33 15.77
CA PRO B 107 21.87 11.64 15.34
C PRO B 107 22.96 11.43 16.41
N ASN B 108 22.69 11.96 17.60
CA ASN B 108 23.63 11.98 18.69
C ASN B 108 23.20 11.19 19.84
N ALA B 109 23.60 9.94 19.93
CA ALA B 109 23.34 9.05 21.02
C ALA B 109 24.01 9.69 22.27
N ASN B 110 23.58 9.33 23.51
CA ASN B 110 23.96 10.06 24.73
C ASN B 110 23.14 11.34 24.91
N SER B 111 22.64 12.07 23.93
CA SER B 111 21.67 13.13 24.25
C SER B 111 20.23 12.96 23.83
N ARG B 112 19.76 11.75 23.47
CA ARG B 112 18.38 11.62 23.03
C ARG B 112 17.43 10.99 24.00
N VAL B 113 16.12 11.25 23.91
CA VAL B 113 15.16 10.69 24.88
C VAL B 113 13.93 10.23 24.07
N SER B 114 13.21 9.21 24.53
CA SER B 114 11.95 8.82 23.90
C SER B 114 10.71 9.37 24.51
N LYS B 115 9.76 9.59 23.69
CA LYS B 115 8.37 9.88 24.12
C LYS B 115 7.69 9.38 22.86
N ASN B 116 7.05 8.25 22.86
CA ASN B 116 6.37 7.67 21.71
C ASN B 116 5.01 8.34 21.39
N ILE B 117 4.49 8.15 20.19
CA ILE B 117 3.16 8.62 19.88
C ILE B 117 2.42 7.25 20.05
N ASN B 118 1.63 7.08 21.09
CA ASN B 118 0.93 5.88 21.36
C ASN B 118 -0.31 5.55 20.54
N PHE B 119 -0.29 5.84 19.22
CA PHE B 119 -1.38 5.67 18.31
C PHE B 119 -0.80 5.74 16.95
N ASP B 120 -1.48 5.21 15.94
CA ASP B 120 -0.97 5.18 14.59
C ASP B 120 -1.27 6.47 13.72
N SER B 121 -0.60 6.49 12.60
CA SER B 121 -0.74 7.67 11.71
C SER B 121 -1.97 7.85 10.88
N ARG B 122 -2.92 6.86 10.90
CA ARG B 122 -4.04 7.07 10.05
C ARG B 122 -5.03 8.13 10.52
N TYR B 123 -5.58 8.80 9.57
CA TYR B 123 -6.58 9.88 9.82
C TYR B 123 -7.77 9.52 10.74
N PRO B 124 -8.45 8.34 10.68
CA PRO B 124 -9.51 8.01 11.60
C PRO B 124 -9.14 7.96 13.08
N THR B 125 -7.89 7.52 13.30
CA THR B 125 -7.26 7.42 14.60
C THR B 125 -6.96 8.79 15.17
N LEU B 126 -6.32 9.62 14.31
CA LEU B 126 -5.97 10.99 14.64
C LEU B 126 -7.20 11.82 14.96
N GLU B 127 -8.25 11.69 14.17
CA GLU B 127 -9.51 12.40 14.42
C GLU B 127 -10.11 12.02 15.79
N SER B 128 -9.94 10.75 16.16
CA SER B 128 -10.43 10.16 17.39
C SER B 128 -9.74 10.67 18.59
N LYS B 129 -8.43 10.87 18.56
CA LYS B 129 -7.70 11.37 19.75
C LYS B 129 -8.01 12.90 19.76
N ALA B 130 -8.11 13.59 18.61
CA ALA B 130 -8.48 14.95 18.54
C ALA B 130 -9.89 15.12 19.10
N GLY B 131 -10.71 14.04 19.13
CA GLY B 131 -12.06 14.14 19.60
C GLY B 131 -13.02 14.74 18.63
N VAL B 132 -12.74 14.58 17.38
CA VAL B 132 -13.57 15.22 16.36
C VAL B 132 -14.24 14.11 15.48
N LYS B 133 -15.29 14.48 14.66
CA LYS B 133 -15.85 13.46 13.78
C LYS B 133 -14.95 13.37 12.55
N SER B 134 -14.66 14.53 11.90
CA SER B 134 -13.86 14.53 10.69
C SER B 134 -12.89 15.68 10.83
N ARG B 135 -11.73 15.53 10.16
CA ARG B 135 -10.72 16.56 9.98
C ARG B 135 -11.48 17.43 8.92
N SER B 136 -11.75 18.67 9.25
CA SER B 136 -12.60 19.54 8.55
C SER B 136 -13.18 20.36 9.68
N GLN B 137 -13.42 19.71 10.83
CA GLN B 137 -13.79 20.40 12.02
C GLN B 137 -12.57 20.92 12.77
N VAL B 138 -11.37 20.69 12.23
CA VAL B 138 -10.21 21.31 12.76
C VAL B 138 -9.60 22.05 11.57
N GLN B 139 -9.34 23.33 11.89
CA GLN B 139 -8.86 24.28 10.88
C GLN B 139 -7.37 24.11 10.71
N LEU B 140 -6.98 24.54 9.49
CA LEU B 140 -5.58 24.55 9.08
C LEU B 140 -5.22 26.02 8.93
N GLY B 141 -3.92 26.28 8.80
CA GLY B 141 -3.43 27.60 8.58
C GLY B 141 -2.06 27.72 9.17
N ILE B 142 -1.29 28.68 8.58
CA ILE B 142 0.06 29.01 9.02
C ILE B 142 0.10 29.43 10.49
N GLN B 143 -0.68 30.36 10.94
CA GLN B 143 -0.68 30.75 12.34
C GLN B 143 -1.05 29.60 13.21
N ILE B 144 -1.97 28.71 12.79
CA ILE B 144 -2.33 27.49 13.56
C ILE B 144 -1.17 26.52 13.66
N LEU B 145 -0.39 26.33 12.59
CA LEU B 145 0.77 25.43 12.58
C LEU B 145 1.78 25.94 13.55
N ASP B 146 2.04 27.24 13.51
CA ASP B 146 2.91 27.92 14.45
C ASP B 146 2.52 27.66 15.91
N SER B 147 1.25 27.99 16.27
CA SER B 147 0.84 27.87 17.61
C SER B 147 0.90 26.43 18.09
N ASN B 148 0.59 25.47 17.15
CA ASN B 148 0.61 24.06 17.51
C ASN B 148 2.06 23.62 17.77
N ILE B 149 3.04 23.97 16.96
CA ILE B 149 4.44 23.73 17.28
C ILE B 149 4.73 24.22 18.72
N GLY B 150 4.20 25.47 19.03
CA GLY B 150 4.31 26.08 20.32
C GLY B 150 3.71 25.22 21.46
N LYS B 151 2.61 24.48 21.30
CA LYS B 151 2.05 23.67 22.37
C LYS B 151 2.87 22.41 22.62
N ILE B 152 3.76 21.99 21.70
CA ILE B 152 4.42 20.72 21.79
C ILE B 152 5.91 20.84 22.09
N SER B 153 6.56 21.65 21.32
CA SER B 153 7.99 21.87 21.30
C SER B 153 8.53 22.29 22.69
N GLY B 154 9.37 21.32 23.14
CA GLY B 154 10.02 21.34 24.41
C GLY B 154 9.07 21.26 25.61
N VAL B 155 7.78 20.88 25.54
CA VAL B 155 7.02 20.87 26.73
C VAL B 155 6.92 19.42 27.28
N MET B 156 7.07 19.38 28.63
CA MET B 156 7.09 18.18 29.46
C MET B 156 5.89 17.24 29.31
N SER B 157 4.68 17.77 29.35
CA SER B 157 3.52 16.86 29.22
C SER B 157 2.60 17.64 28.30
N PHE B 158 1.80 17.00 27.45
CA PHE B 158 0.96 17.76 26.56
C PHE B 158 -0.37 17.16 26.20
N THR B 159 -0.65 15.90 26.56
CA THR B 159 -1.89 15.22 26.24
C THR B 159 -2.08 14.77 24.76
N GLU B 160 -2.77 13.60 24.60
CA GLU B 160 -3.00 13.03 23.25
C GLU B 160 -3.89 13.93 22.34
N LYS B 161 -4.90 14.68 22.85
CA LYS B 161 -5.71 15.55 21.98
C LYS B 161 -4.84 16.67 21.33
N THR B 162 -3.92 17.28 22.10
CA THR B 162 -3.03 18.31 21.62
C THR B 162 -2.09 17.69 20.59
N GLU B 163 -1.60 16.47 20.85
CA GLU B 163 -0.66 15.84 19.91
C GLU B 163 -1.35 15.46 18.64
N ALA B 164 -2.54 14.79 18.64
CA ALA B 164 -3.24 14.47 17.41
C ALA B 164 -3.59 15.77 16.58
N GLU B 165 -4.01 16.83 17.29
CA GLU B 165 -4.26 18.09 16.64
C GLU B 165 -3.04 18.61 15.88
N PHE B 166 -1.86 18.60 16.54
CA PHE B 166 -0.68 19.07 15.87
C PHE B 166 -0.43 18.29 14.58
N LEU B 167 -0.46 16.91 14.77
CA LEU B 167 -0.26 16.06 13.67
C LEU B 167 -1.21 16.18 12.51
N LEU B 168 -2.51 16.41 12.77
CA LEU B 168 -3.46 16.59 11.67
C LEU B 168 -3.09 17.81 10.80
N VAL B 169 -2.81 18.93 11.42
CA VAL B 169 -2.44 20.19 10.75
C VAL B 169 -1.08 19.99 10.03
N ALA B 170 -0.09 19.40 10.67
CA ALA B 170 1.23 19.20 10.04
C ALA B 170 1.21 18.24 8.84
N ILE B 171 0.61 17.09 8.91
CA ILE B 171 0.59 16.13 7.82
C ILE B 171 -0.13 16.81 6.59
N GLN B 172 -1.23 17.55 6.83
CA GLN B 172 -1.94 18.16 5.71
C GLN B 172 -1.18 19.31 5.12
N MET B 173 -0.44 20.09 5.94
CA MET B 173 0.27 21.19 5.38
C MET B 173 1.61 20.91 4.85
N VAL B 174 2.22 19.77 5.16
CA VAL B 174 3.51 19.51 4.61
C VAL B 174 3.35 18.32 3.60
N SER B 175 3.09 17.11 4.03
CA SER B 175 2.96 15.97 3.08
C SER B 175 1.85 16.13 2.06
N GLU B 176 0.58 16.46 2.42
CA GLU B 176 -0.45 16.59 1.48
C GLU B 176 -0.33 17.76 0.51
N ALA B 177 0.07 18.93 0.93
CA ALA B 177 0.27 20.07 0.05
C ALA B 177 1.35 19.79 -0.99
N ALA B 178 2.38 19.02 -0.61
CA ALA B 178 3.43 18.67 -1.56
C ALA B 178 2.91 17.66 -2.63
N ARG B 179 2.02 16.70 -2.30
CA ARG B 179 1.50 15.74 -3.22
C ARG B 179 0.58 16.39 -4.19
N PHE B 180 -0.30 17.23 -3.67
CA PHE B 180 -1.30 17.95 -4.38
C PHE B 180 -1.16 19.48 -4.47
N LYS B 181 -0.89 19.82 -5.68
CA LYS B 181 -0.82 21.22 -6.15
C LYS B 181 -2.11 21.93 -5.71
N TYR B 182 -3.25 21.26 -5.74
CA TYR B 182 -4.49 21.76 -5.27
C TYR B 182 -4.49 22.20 -3.82
N ILE B 183 -3.98 21.35 -2.88
CA ILE B 183 -3.94 21.72 -1.51
C ILE B 183 -2.96 22.93 -1.28
N GLU B 184 -1.78 22.89 -1.93
CA GLU B 184 -0.84 23.99 -1.90
C GLU B 184 -1.55 25.28 -2.22
N ASN B 185 -2.32 25.22 -3.28
CA ASN B 185 -3.14 26.43 -3.68
C ASN B 185 -4.18 26.76 -2.64
N GLN B 186 -4.82 25.82 -1.95
CA GLN B 186 -5.82 26.15 -0.98
C GLN B 186 -5.27 26.90 0.21
N VAL B 187 -4.04 26.58 0.52
CA VAL B 187 -3.28 27.21 1.61
C VAL B 187 -2.88 28.64 1.14
N LYS B 188 -2.43 28.80 -0.09
CA LYS B 188 -2.06 30.05 -0.61
C LYS B 188 -3.27 30.97 -0.63
N THR B 189 -4.40 30.52 -1.16
CA THR B 189 -5.65 31.39 -1.24
C THR B 189 -6.11 31.90 0.15
N ASN B 190 -5.77 31.15 1.21
CA ASN B 190 -6.22 31.48 2.52
C ASN B 190 -5.07 31.83 3.40
N PHE B 191 -3.92 32.23 2.86
CA PHE B 191 -2.71 32.37 3.67
C PHE B 191 -2.80 33.29 4.92
N ASN B 192 -3.71 34.17 5.08
CA ASN B 192 -3.76 35.02 6.25
C ASN B 192 -4.90 34.64 7.18
N ARG B 193 -5.50 33.44 7.12
CA ARG B 193 -6.60 33.06 7.96
C ARG B 193 -6.71 31.59 8.08
N ALA B 194 -7.38 31.13 9.12
CA ALA B 194 -7.62 29.68 9.32
C ALA B 194 -8.61 29.30 8.26
N PHE B 195 -8.55 28.08 7.70
CA PHE B 195 -9.61 27.58 6.87
C PHE B 195 -9.88 26.18 7.28
N ASN B 196 -11.09 25.69 6.87
CA ASN B 196 -11.54 24.36 7.17
C ASN B 196 -11.42 23.62 5.83
N PRO B 197 -10.86 22.40 5.78
CA PRO B 197 -10.69 21.58 4.57
C PRO B 197 -11.97 21.33 3.77
N ASN B 198 -12.03 21.64 2.51
CA ASN B 198 -13.23 21.36 1.76
C ASN B 198 -13.27 19.90 1.35
N PRO B 199 -14.38 19.25 0.94
CA PRO B 199 -14.48 17.88 0.40
C PRO B 199 -13.47 17.49 -0.61
N LYS B 200 -13.08 18.34 -1.59
CA LYS B 200 -12.11 17.97 -2.58
C LYS B 200 -10.75 17.71 -1.98
N VAL B 201 -10.30 18.49 -0.98
CA VAL B 201 -8.98 18.25 -0.34
C VAL B 201 -9.08 16.90 0.40
N LEU B 202 -10.16 16.64 1.16
CA LEU B 202 -10.19 15.34 1.93
C LEU B 202 -10.31 14.21 0.94
N ASN B 203 -10.99 14.44 -0.24
CA ASN B 203 -11.15 13.32 -1.16
C ASN B 203 -9.82 12.98 -1.78
N LEU B 204 -9.14 14.02 -2.31
CA LEU B 204 -7.81 13.88 -2.90
C LEU B 204 -6.81 13.15 -2.04
N GLN B 205 -6.80 13.47 -0.73
CA GLN B 205 -5.98 12.84 0.24
C GLN B 205 -6.17 11.33 0.21
N GLU B 206 -7.41 10.91 0.51
CA GLU B 206 -7.78 9.51 0.55
C GLU B 206 -7.72 8.86 -0.81
N THR B 207 -7.76 9.47 -1.98
CA THR B 207 -7.64 8.72 -3.22
C THR B 207 -6.25 8.82 -3.90
N TRP B 208 -5.22 9.41 -3.26
CA TRP B 208 -3.87 9.51 -3.86
C TRP B 208 -3.27 8.20 -4.43
N GLY B 209 -3.49 7.08 -3.79
CA GLY B 209 -2.92 5.78 -4.34
C GLY B 209 -3.54 5.45 -5.67
N LYS B 210 -4.88 5.52 -5.67
CA LYS B 210 -5.70 5.16 -6.80
C LYS B 210 -5.45 6.13 -7.94
N ILE B 211 -5.28 7.42 -7.72
CA ILE B 211 -4.84 8.39 -8.75
C ILE B 211 -3.50 7.99 -9.31
N SER B 212 -2.49 7.63 -8.47
CA SER B 212 -1.19 7.29 -8.92
C SER B 212 -1.13 6.05 -9.83
N THR B 213 -1.95 5.06 -9.46
CA THR B 213 -2.06 3.84 -10.20
C THR B 213 -2.71 4.14 -11.56
N ALA B 214 -3.80 4.89 -11.54
CA ALA B 214 -4.58 5.34 -12.68
C ALA B 214 -3.81 6.09 -13.78
N ILE B 215 -2.98 7.06 -13.41
CA ILE B 215 -2.16 7.78 -14.30
C ILE B 215 -1.06 6.96 -14.87
N HIS B 216 -0.38 6.19 -14.01
CA HIS B 216 0.65 5.24 -14.46
C HIS B 216 0.16 4.28 -15.56
N ASP B 217 -0.98 3.71 -15.30
CA ASP B 217 -1.58 2.77 -16.21
C ASP B 217 -2.32 3.34 -17.39
N ALA B 218 -2.61 4.61 -17.41
CA ALA B 218 -3.36 5.30 -18.55
C ALA B 218 -2.64 5.14 -19.84
N LYS B 219 -3.32 4.60 -20.86
CA LYS B 219 -2.75 4.43 -22.21
C LYS B 219 -3.14 5.68 -23.06
N ASN B 220 -2.25 6.13 -23.97
CA ASN B 220 -2.50 7.28 -24.85
C ASN B 220 -3.26 8.43 -24.25
N GLY B 221 -3.01 8.75 -22.97
CA GLY B 221 -3.66 9.82 -22.22
C GLY B 221 -4.95 9.44 -21.54
N VAL B 222 -5.59 8.36 -21.99
CA VAL B 222 -6.91 7.94 -21.46
C VAL B 222 -6.71 6.97 -20.31
N LEU B 223 -7.37 7.25 -19.15
CA LEU B 223 -7.34 6.39 -17.92
C LEU B 223 -7.88 4.99 -18.11
N PRO B 224 -7.55 3.90 -17.39
CA PRO B 224 -8.02 2.55 -17.64
C PRO B 224 -9.53 2.34 -17.46
N LYS B 225 -10.11 3.05 -16.51
CA LYS B 225 -11.55 3.01 -16.25
C LYS B 225 -11.88 4.21 -15.32
N PRO B 226 -12.88 5.04 -15.74
CA PRO B 226 -13.08 6.42 -15.19
C PRO B 226 -12.96 6.51 -13.67
N LEU B 227 -12.31 7.61 -13.29
CA LEU B 227 -12.00 7.84 -11.89
C LEU B 227 -13.10 8.66 -11.27
N GLU B 228 -13.86 8.18 -10.31
CA GLU B 228 -14.87 9.04 -9.66
C GLU B 228 -14.27 9.64 -8.40
N LEU B 229 -14.36 10.96 -8.38
CA LEU B 229 -13.78 11.78 -7.37
C LEU B 229 -14.86 12.79 -6.86
N VAL B 230 -14.54 13.63 -5.92
CA VAL B 230 -15.48 14.60 -5.33
C VAL B 230 -14.87 16.00 -5.52
N ASP B 231 -15.64 17.02 -6.03
CA ASP B 231 -15.10 18.37 -6.10
C ASP B 231 -15.35 19.14 -4.86
N ALA B 232 -14.80 20.36 -4.81
CA ALA B 232 -14.90 21.29 -3.67
C ALA B 232 -16.24 21.62 -3.04
N SER B 233 -17.31 21.43 -3.80
CA SER B 233 -18.69 21.60 -3.38
C SER B 233 -19.26 20.39 -2.65
N GLY B 234 -18.88 19.20 -3.12
CA GLY B 234 -19.42 18.00 -2.62
C GLY B 234 -19.86 17.10 -3.76
N ALA B 235 -20.07 17.69 -4.90
CA ALA B 235 -20.52 16.92 -6.05
C ALA B 235 -19.49 15.91 -6.54
N LYS B 236 -20.07 14.81 -7.09
CA LYS B 236 -19.28 13.76 -7.69
C LYS B 236 -18.63 14.42 -8.90
N TRP B 237 -17.44 13.99 -9.29
CA TRP B 237 -16.69 14.56 -10.41
C TRP B 237 -16.17 13.28 -11.07
N ILE B 238 -16.24 13.15 -12.36
CA ILE B 238 -15.85 11.91 -13.08
C ILE B 238 -14.71 12.29 -14.02
N VAL B 239 -13.50 11.80 -13.81
CA VAL B 239 -12.43 12.08 -14.77
C VAL B 239 -12.17 10.89 -15.65
N LEU B 240 -11.90 11.17 -16.91
CA LEU B 240 -11.63 10.18 -17.87
C LEU B 240 -10.19 10.19 -18.43
N ARG B 241 -9.55 11.38 -18.49
CA ARG B 241 -8.22 11.49 -19.08
C ARG B 241 -7.21 12.05 -18.12
N VAL B 242 -5.87 11.88 -18.37
CA VAL B 242 -4.90 12.40 -17.43
C VAL B 242 -4.91 13.90 -17.44
N ASP B 243 -5.17 14.64 -18.56
CA ASP B 243 -5.26 16.04 -18.55
C ASP B 243 -6.28 16.63 -17.56
N GLU B 244 -7.32 15.83 -17.19
CA GLU B 244 -8.30 16.34 -16.27
C GLU B 244 -7.86 16.47 -14.86
N ILE B 245 -7.09 15.46 -14.39
CA ILE B 245 -6.68 15.42 -13.03
C ILE B 245 -5.24 16.00 -12.92
N LYS B 246 -4.39 15.97 -13.97
CA LYS B 246 -3.02 16.37 -13.92
C LYS B 246 -2.76 17.75 -13.37
N PRO B 247 -3.56 18.82 -13.57
CA PRO B 247 -3.34 20.14 -12.93
C PRO B 247 -3.29 20.06 -11.38
N ASP B 248 -4.07 19.22 -10.76
CA ASP B 248 -4.10 19.11 -9.31
C ASP B 248 -3.02 18.30 -8.61
N VAL B 249 -2.23 17.58 -9.36
CA VAL B 249 -1.33 16.58 -8.74
C VAL B 249 0.12 16.93 -9.00
N ALA B 250 0.92 17.12 -7.98
CA ALA B 250 2.30 17.36 -8.12
C ALA B 250 3.20 16.15 -7.97
N LEU B 251 2.82 15.13 -7.22
CA LEU B 251 3.64 13.94 -7.02
C LEU B 251 2.80 12.70 -7.09
N LEU B 252 3.33 11.73 -7.86
CA LEU B 252 2.74 10.41 -7.96
C LEU B 252 3.39 9.44 -6.95
N ASN B 253 2.62 8.49 -6.42
CA ASN B 253 3.11 7.52 -5.49
C ASN B 253 3.82 6.38 -6.27
N TYR B 254 4.76 5.69 -5.69
CA TYR B 254 5.42 4.62 -6.44
C TYR B 254 4.44 3.50 -6.72
N VAL B 255 4.49 3.09 -8.00
CA VAL B 255 3.65 2.07 -8.62
C VAL B 255 4.72 1.47 -9.60
N GLY B 256 5.12 0.22 -9.48
CA GLY B 256 6.19 -0.33 -10.37
C GLY B 256 5.75 -0.45 -11.87
N GLY B 257 6.73 -0.59 -12.76
CA GLY B 257 6.44 -0.89 -14.15
C GLY B 257 6.60 0.27 -15.10
N SER B 258 6.49 0.16 -16.42
CA SER B 258 6.74 1.30 -17.33
C SER B 258 5.46 2.11 -17.43
N CYS B 259 5.54 3.38 -17.88
CA CYS B 259 4.37 4.23 -18.13
C CYS B 259 4.83 5.31 -19.15
N GLN B 260 3.87 6.01 -19.78
CA GLN B 260 4.25 6.99 -20.77
C GLN B 260 4.79 8.20 -19.96
N THR B 261 6.06 8.30 -20.18
CA THR B 261 6.94 9.25 -19.60
C THR B 261 6.47 10.76 -19.61
N THR B 262 6.39 11.26 -20.84
CA THR B 262 6.10 12.68 -21.02
C THR B 262 5.28 12.64 -22.26
P FMP C . -2.65 -2.07 -7.10
O1P FMP C . -3.47 -1.36 -6.12
O2P FMP C . -2.98 -1.98 -8.57
O3P FMP C . -1.08 -1.47 -7.03
O5' FMP C . -2.66 -3.61 -6.61
C5' FMP C . -3.96 -4.25 -6.47
C4' FMP C . -4.15 -5.77 -6.35
O4' FMP C . -3.24 -6.46 -7.19
C3' FMP C . -4.23 -6.30 -4.99
O3' FMP C . -5.35 -7.18 -4.86
C2' FMP C . -3.07 -7.25 -5.09
O2' FMP C . -3.20 -8.29 -4.18
C1' FMP C . -3.03 -7.64 -6.52
C9 FMP C . -1.61 -8.27 -6.82
N8 FMP C . -0.77 -7.75 -7.74
N7 FMP C . 0.26 -8.55 -7.69
C6 FMP C . 1.02 -10.58 -6.27
N6 FMP C . 2.23 -10.76 -6.71
C5 FMP C . 0.16 -9.54 -6.77
C4 FMP C . -1.04 -9.30 -6.18
N3 FMP C . -1.48 -10.20 -5.21
C2 FMP C . -0.63 -11.15 -4.86
N1 FMP C . 0.58 -11.40 -5.30
P FMP D . -5.76 4.83 4.06
O1P FMP D . -6.01 4.38 2.69
O2P FMP D . -6.95 5.28 4.89
O3P FMP D . -5.17 3.52 4.85
O5' FMP D . -4.72 6.03 3.93
C5' FMP D . -5.14 7.16 3.07
C4' FMP D . -4.34 8.50 3.07
O4' FMP D . -3.97 8.84 4.44
C3' FMP D . -3.14 8.67 2.16
O3' FMP D . -3.23 9.88 1.44
C2' FMP D . -2.09 8.84 3.26
O2' FMP D . -1.06 9.60 2.59
C1' FMP D . -2.79 9.58 4.34
C9 FMP D . -1.93 9.53 5.60
N8 FMP D . -2.31 8.92 6.73
N7 FMP D . -1.30 9.06 7.55
C6 FMP D . 1.05 10.09 7.41
N6 FMP D . 1.52 9.79 8.61
C5 FMP D . -0.26 9.75 7.00
C4 FMP D . -0.64 9.96 5.75
N3 FMP D . 0.22 10.67 4.88
C2 FMP D . 1.37 11.05 5.36
N1 FMP D . 1.84 10.75 6.60
#